data_9DSF
#
_entry.id   9DSF
#
_cell.length_a   144.958
_cell.length_b   49.702
_cell.length_c   67.994
_cell.angle_alpha   90.00
_cell.angle_beta   110.56
_cell.angle_gamma   90.00
#
_symmetry.space_group_name_H-M   'C 1 2 1'
#
loop_
_entity.id
_entity.type
_entity.pdbx_description
1 polymer 'Diguanylate cyclase DosC'
2 non-polymer 'PROTOPORPHYRIN IX CONTAINING FE'
3 non-polymer 'CYANIDE ION'
4 non-polymer GLYCEROL
5 water water
#
_entity_poly.entity_id   1
_entity_poly.type   'polypeptide(L)'
_entity_poly.pdbx_seq_one_letter_code
;HHHHHHIEGRMKPSPEILALRWKDTCAHYSPHEWVAARNVVTANKAALADYFYECMLADPNAAFFLSDQLVKTKLHAAMQ
DWLESVYAAAPTEEYERTVAFQRKVGEVHARIDIPVHLVTRGACALIRRICELLDRDASLSAAQAAATCRYVADVTMTAV
EMMCHAYSVS
;
_entity_poly.pdbx_strand_id   A,B,C
#
loop_
_chem_comp.id
_chem_comp.type
_chem_comp.name
_chem_comp.formula
CYN non-polymer 'CYANIDE ION' 'C N -1'
GOL non-polymer GLYCEROL 'C3 H8 O3'
HEM non-polymer 'PROTOPORPHYRIN IX CONTAINING FE' 'C34 H32 Fe N4 O4'
#
# COMPACT_ATOMS: atom_id res chain seq x y z
N PRO A 13 -39.47 27.57 -11.15
CA PRO A 13 -38.80 27.43 -9.85
C PRO A 13 -37.30 27.77 -9.95
N SER A 14 -36.97 29.05 -9.73
CA SER A 14 -35.65 29.65 -10.03
C SER A 14 -34.59 29.19 -9.02
N PRO A 15 -33.28 29.39 -9.31
CA PRO A 15 -32.22 28.93 -8.41
C PRO A 15 -32.11 29.77 -7.12
N GLU A 16 -32.42 31.06 -7.19
CA GLU A 16 -32.37 31.99 -6.02
C GLU A 16 -33.45 31.59 -5.01
N ILE A 17 -34.58 31.03 -5.49
CA ILE A 17 -35.69 30.52 -4.64
C ILE A 17 -35.25 29.21 -3.98
N LEU A 18 -34.70 28.28 -4.77
CA LEU A 18 -34.18 26.97 -4.29
C LEU A 18 -33.04 27.20 -3.31
N ALA A 19 -32.22 28.24 -3.51
CA ALA A 19 -31.08 28.61 -2.65
C ALA A 19 -31.57 28.91 -1.22
N LEU A 20 -32.74 29.55 -1.08
CA LEU A 20 -33.37 29.85 0.23
C LEU A 20 -33.51 28.54 1.02
N ARG A 21 -34.01 27.48 0.39
CA ARG A 21 -34.26 26.16 1.02
C ARG A 21 -32.92 25.59 1.53
N TRP A 22 -31.88 25.64 0.70
CA TRP A 22 -30.52 25.13 1.06
C TRP A 22 -29.99 25.96 2.25
N LYS A 23 -30.01 27.29 2.13
CA LYS A 23 -29.54 28.23 3.19
C LYS A 23 -30.29 27.96 4.49
N ASP A 24 -31.62 27.86 4.43
CA ASP A 24 -32.51 27.64 5.60
C ASP A 24 -32.16 26.30 6.27
N THR A 25 -31.98 25.24 5.49
CA THR A 25 -31.65 23.88 5.99
C THR A 25 -30.33 23.93 6.76
N CYS A 26 -29.30 24.56 6.19
CA CYS A 26 -27.94 24.65 6.76
C CYS A 26 -27.94 25.60 7.98
N ALA A 27 -28.80 26.62 7.98
CA ALA A 27 -28.90 27.65 9.04
C ALA A 27 -29.42 27.02 10.34
N HIS A 28 -30.04 25.85 10.27
CA HIS A 28 -30.50 25.05 11.45
C HIS A 28 -29.27 24.57 12.25
N TYR A 29 -28.10 24.53 11.61
CA TYR A 29 -26.82 24.06 12.20
C TYR A 29 -25.83 25.22 12.28
N SER A 30 -24.72 25.02 12.98
CA SER A 30 -23.63 26.02 13.13
C SER A 30 -22.54 25.71 12.13
N PRO A 31 -21.69 26.71 11.77
CA PRO A 31 -20.54 26.47 10.90
C PRO A 31 -19.66 25.29 11.35
N HIS A 32 -19.70 24.95 12.64
CA HIS A 32 -18.93 23.82 13.24
C HIS A 32 -19.39 22.49 12.63
N GLU A 33 -20.71 22.31 12.46
CA GLU A 33 -21.29 21.11 11.79
C GLU A 33 -20.88 21.12 10.32
N TRP A 34 -20.98 22.27 9.65
CA TRP A 34 -20.63 22.43 8.21
C TRP A 34 -19.18 21.99 7.98
N VAL A 35 -18.27 22.43 8.86
CA VAL A 35 -16.80 22.22 8.72
C VAL A 35 -16.47 20.75 9.05
N ALA A 36 -16.99 20.21 10.15
CA ALA A 36 -16.78 18.81 10.59
C ALA A 36 -17.17 17.85 9.46
N ALA A 37 -18.34 18.10 8.84
CA ALA A 37 -18.90 17.30 7.74
C ALA A 37 -18.01 17.42 6.49
N ARG A 38 -17.69 18.65 6.09
CA ARG A 38 -16.88 18.95 4.88
C ARG A 38 -15.50 18.31 5.02
N ASN A 39 -14.94 18.32 6.23
CA ASN A 39 -13.59 17.76 6.55
C ASN A 39 -13.61 16.23 6.37
N VAL A 40 -14.58 15.53 6.96
CA VAL A 40 -14.66 14.04 6.86
C VAL A 40 -14.91 13.66 5.40
N VAL A 41 -15.74 14.43 4.67
CA VAL A 41 -16.11 14.11 3.27
C VAL A 41 -14.88 14.26 2.36
N THR A 42 -14.12 15.36 2.49
CA THR A 42 -12.94 15.66 1.62
C THR A 42 -11.85 14.62 1.90
N ALA A 43 -11.68 14.22 3.16
CA ALA A 43 -10.66 13.24 3.61
C ALA A 43 -10.98 11.84 3.06
N ASN A 44 -12.24 11.57 2.72
CA ASN A 44 -12.73 10.20 2.40
C ASN A 44 -13.50 10.19 1.07
N LYS A 45 -13.40 11.23 0.23
CA LYS A 45 -14.28 11.40 -0.95
C LYS A 45 -14.09 10.23 -1.93
N ALA A 46 -12.86 9.79 -2.18
CA ALA A 46 -12.56 8.65 -3.07
C ALA A 46 -13.17 7.36 -2.49
N ALA A 47 -13.01 7.14 -1.18
CA ALA A 47 -13.53 5.95 -0.46
C ALA A 47 -15.07 5.97 -0.47
N LEU A 48 -15.67 7.15 -0.37
CA LEU A 48 -17.14 7.33 -0.41
C LEU A 48 -17.65 7.01 -1.82
N ALA A 49 -16.97 7.50 -2.85
CA ALA A 49 -17.27 7.18 -4.27
C ALA A 49 -17.16 5.66 -4.48
N ASP A 50 -16.08 5.04 -3.99
CA ASP A 50 -15.85 3.57 -4.04
C ASP A 50 -17.08 2.85 -3.50
N TYR A 51 -17.52 3.22 -2.30
CA TYR A 51 -18.63 2.56 -1.56
C TYR A 51 -19.93 2.70 -2.36
N PHE A 52 -20.18 3.88 -2.93
CA PHE A 52 -21.39 4.19 -3.74
C PHE A 52 -21.48 3.23 -4.92
N TYR A 53 -20.40 3.06 -5.68
CA TYR A 53 -20.37 2.24 -6.93
C TYR A 53 -20.24 0.75 -6.57
N GLU A 54 -19.64 0.43 -5.42
CA GLU A 54 -19.62 -0.94 -4.86
C GLU A 54 -21.08 -1.38 -4.62
N CYS A 55 -21.90 -0.53 -4.01
CA CYS A 55 -23.32 -0.79 -3.67
C CYS A 55 -24.18 -0.90 -4.94
N MET A 56 -23.98 0.02 -5.89
CA MET A 56 -24.82 0.13 -7.12
C MET A 56 -24.52 -1.02 -8.09
N LEU A 57 -23.24 -1.23 -8.43
CA LEU A 57 -22.80 -2.23 -9.44
C LEU A 57 -23.14 -3.65 -8.96
N ALA A 58 -23.43 -3.84 -7.67
CA ALA A 58 -23.79 -5.14 -7.05
C ALA A 58 -25.27 -5.47 -7.36
N ASP A 59 -26.14 -4.47 -7.46
CA ASP A 59 -27.57 -4.63 -7.83
C ASP A 59 -27.67 -4.69 -9.35
N PRO A 60 -28.15 -5.82 -9.95
CA PRO A 60 -28.26 -5.91 -11.41
C PRO A 60 -29.18 -4.85 -12.02
N ASN A 61 -30.21 -4.40 -11.29
CA ASN A 61 -31.18 -3.37 -11.76
C ASN A 61 -30.49 -2.01 -11.91
N ALA A 62 -29.50 -1.70 -11.05
CA ALA A 62 -28.71 -0.46 -11.10
C ALA A 62 -27.60 -0.59 -12.15
N ALA A 63 -26.90 -1.74 -12.18
CA ALA A 63 -25.79 -2.05 -13.10
C ALA A 63 -26.26 -1.91 -14.57
N PHE A 64 -27.55 -2.11 -14.81
CA PHE A 64 -28.24 -1.91 -16.12
C PHE A 64 -27.83 -0.56 -16.74
N PHE A 65 -27.71 0.48 -15.91
CA PHE A 65 -27.53 1.89 -16.32
C PHE A 65 -26.05 2.29 -16.31
N LEU A 66 -25.17 1.42 -15.81
CA LEU A 66 -23.74 1.74 -15.56
C LEU A 66 -22.84 0.76 -16.34
N SER A 67 -21.84 1.28 -17.04
CA SER A 67 -20.69 0.50 -17.57
C SER A 67 -19.50 0.71 -16.63
N ASP A 68 -18.61 -0.28 -16.53
CA ASP A 68 -17.36 -0.18 -15.73
C ASP A 68 -16.54 1.01 -16.23
N GLN A 69 -16.51 1.24 -17.54
CA GLN A 69 -15.73 2.33 -18.19
C GLN A 69 -16.34 3.69 -17.79
N LEU A 70 -17.66 3.83 -17.83
CA LEU A 70 -18.38 5.08 -17.45
C LEU A 70 -18.04 5.45 -16.01
N VAL A 71 -18.07 4.47 -15.10
CA VAL A 71 -17.75 4.64 -13.65
C VAL A 71 -16.26 5.00 -13.51
N LYS A 72 -15.37 4.24 -14.16
CA LYS A 72 -13.90 4.40 -14.03
C LYS A 72 -13.46 5.78 -14.55
N THR A 73 -13.96 6.20 -15.72
CA THR A 73 -13.41 7.35 -16.49
C THR A 73 -14.17 8.65 -16.21
N LYS A 74 -15.42 8.59 -15.72
CA LYS A 74 -16.29 9.80 -15.56
C LYS A 74 -16.91 9.87 -14.17
N LEU A 75 -17.78 8.92 -13.81
CA LEU A 75 -18.73 9.06 -12.68
C LEU A 75 -18.00 8.99 -11.33
N HIS A 76 -16.98 8.14 -11.17
CA HIS A 76 -16.22 8.00 -9.90
C HIS A 76 -15.68 9.38 -9.49
N ALA A 77 -15.08 10.10 -10.44
CA ALA A 77 -14.53 11.46 -10.24
C ALA A 77 -15.67 12.47 -10.04
N ALA A 78 -16.75 12.36 -10.81
CA ALA A 78 -17.93 13.25 -10.75
C ALA A 78 -18.60 13.14 -9.37
N MET A 79 -18.67 11.93 -8.81
CA MET A 79 -19.25 11.68 -7.46
C MET A 79 -18.42 12.40 -6.40
N GLN A 80 -17.09 12.33 -6.50
CA GLN A 80 -16.16 13.04 -5.57
C GLN A 80 -16.45 14.55 -5.65
N ASP A 81 -16.60 15.08 -6.86
CA ASP A 81 -16.84 16.52 -7.12
C ASP A 81 -18.22 16.93 -6.61
N TRP A 82 -19.21 16.04 -6.77
CA TRP A 82 -20.60 16.24 -6.26
C TRP A 82 -20.56 16.37 -4.74
N LEU A 83 -19.89 15.45 -4.05
CA LEU A 83 -19.71 15.46 -2.58
C LEU A 83 -19.06 16.78 -2.13
N GLU A 84 -17.96 17.19 -2.78
CA GLU A 84 -17.22 18.43 -2.45
C GLU A 84 -18.15 19.64 -2.62
N SER A 85 -18.93 19.68 -3.71
CA SER A 85 -19.90 20.77 -4.03
C SER A 85 -20.97 20.86 -2.94
N VAL A 86 -21.55 19.73 -2.53
CA VAL A 86 -22.63 19.67 -1.51
C VAL A 86 -22.12 20.30 -0.20
N TYR A 87 -20.91 19.94 0.23
CA TYR A 87 -20.38 20.27 1.58
C TYR A 87 -19.63 21.61 1.57
N ALA A 88 -19.32 22.15 0.38
CA ALA A 88 -18.68 23.48 0.22
C ALA A 88 -19.73 24.60 0.27
N ALA A 89 -21.00 24.30 -0.05
CA ALA A 89 -22.06 25.30 -0.35
C ALA A 89 -22.24 26.29 0.81
N ALA A 90 -22.52 25.80 2.02
CA ALA A 90 -22.78 26.63 3.21
C ALA A 90 -21.52 27.36 3.66
N PRO A 91 -20.36 26.69 3.85
CA PRO A 91 -19.12 27.37 4.21
C PRO A 91 -18.67 28.49 3.24
N THR A 92 -18.92 28.34 1.93
CA THR A 92 -18.50 29.32 0.89
C THR A 92 -19.68 30.18 0.43
N GLU A 93 -20.88 29.96 0.98
CA GLU A 93 -22.12 30.74 0.70
C GLU A 93 -22.50 30.65 -0.79
N GLU A 94 -22.10 29.60 -1.48
CA GLU A 94 -22.38 29.39 -2.93
C GLU A 94 -23.67 28.59 -3.08
N TYR A 95 -24.76 29.07 -2.49
CA TYR A 95 -26.09 28.38 -2.44
C TYR A 95 -26.67 28.29 -3.85
N GLU A 96 -26.79 29.43 -4.54
CA GLU A 96 -27.42 29.56 -5.88
C GLU A 96 -26.67 28.68 -6.90
N ARG A 97 -25.34 28.68 -6.87
CA ARG A 97 -24.48 27.88 -7.77
C ARG A 97 -24.73 26.39 -7.53
N THR A 98 -24.75 25.98 -6.25
CA THR A 98 -24.89 24.55 -5.83
C THR A 98 -26.26 24.01 -6.24
N VAL A 99 -27.34 24.75 -5.95
CA VAL A 99 -28.74 24.31 -6.27
C VAL A 99 -28.90 24.20 -7.79
N ALA A 100 -28.32 25.15 -8.54
CA ALA A 100 -28.33 25.17 -10.02
C ALA A 100 -27.68 23.88 -10.53
N PHE A 101 -26.55 23.48 -9.97
CA PHE A 101 -25.80 22.24 -10.32
C PHE A 101 -26.67 21.01 -10.01
N GLN A 102 -27.24 20.94 -8.80
CA GLN A 102 -28.09 19.79 -8.35
C GLN A 102 -29.24 19.61 -9.33
N ARG A 103 -29.89 20.70 -9.74
CA ARG A 103 -31.03 20.69 -10.70
C ARG A 103 -30.60 20.02 -12.01
N LYS A 104 -29.42 20.38 -12.53
CA LYS A 104 -28.88 19.85 -13.81
C LYS A 104 -28.56 18.36 -13.67
N VAL A 105 -27.97 17.94 -12.54
CA VAL A 105 -27.65 16.52 -12.24
C VAL A 105 -28.96 15.72 -12.28
N GLY A 106 -30.01 16.23 -11.63
CA GLY A 106 -31.36 15.63 -11.64
C GLY A 106 -31.89 15.44 -13.05
N GLU A 107 -31.72 16.46 -13.91
CA GLU A 107 -32.18 16.46 -15.32
C GLU A 107 -31.45 15.36 -16.11
N VAL A 108 -30.15 15.16 -15.85
CA VAL A 108 -29.32 14.09 -16.49
C VAL A 108 -29.97 12.73 -16.21
N HIS A 109 -30.35 12.47 -14.95
CA HIS A 109 -30.90 11.17 -14.49
C HIS A 109 -32.31 10.96 -15.05
N ALA A 110 -33.17 11.98 -14.97
CA ALA A 110 -34.58 11.94 -15.41
C ALA A 110 -34.65 11.65 -16.93
N ARG A 111 -33.75 12.25 -17.70
CA ARG A 111 -33.73 12.15 -19.19
C ARG A 111 -33.45 10.71 -19.63
N ILE A 112 -32.56 9.99 -18.93
CA ILE A 112 -32.20 8.57 -19.26
C ILE A 112 -33.00 7.60 -18.37
N ASP A 113 -33.97 8.12 -17.61
CA ASP A 113 -34.99 7.36 -16.84
C ASP A 113 -34.29 6.48 -15.78
N ILE A 114 -33.32 7.04 -15.05
CA ILE A 114 -32.77 6.40 -13.82
C ILE A 114 -33.92 6.32 -12.82
N PRO A 115 -34.32 5.11 -12.36
CA PRO A 115 -35.38 4.99 -11.37
C PRO A 115 -35.05 5.80 -10.11
N VAL A 116 -35.96 6.68 -9.69
CA VAL A 116 -35.75 7.64 -8.56
C VAL A 116 -35.46 6.84 -7.27
N HIS A 117 -36.02 5.64 -7.11
CA HIS A 117 -35.82 4.79 -5.90
C HIS A 117 -34.33 4.44 -5.76
N LEU A 118 -33.60 4.35 -6.87
CA LEU A 118 -32.14 4.02 -6.86
C LEU A 118 -31.33 5.28 -6.50
N VAL A 119 -31.79 6.47 -6.91
CA VAL A 119 -31.18 7.77 -6.53
C VAL A 119 -31.25 7.91 -5.00
N THR A 120 -32.41 7.65 -4.41
CA THR A 120 -32.63 7.75 -2.94
C THR A 120 -31.75 6.71 -2.22
N ARG A 121 -31.68 5.48 -2.72
CA ARG A 121 -30.84 4.40 -2.11
C ARG A 121 -29.36 4.84 -2.14
N GLY A 122 -28.92 5.43 -3.26
CA GLY A 122 -27.57 5.98 -3.43
C GLY A 122 -27.27 7.04 -2.39
N ALA A 123 -28.20 7.99 -2.21
CA ALA A 123 -28.11 9.08 -1.22
C ALA A 123 -27.95 8.47 0.18
N CYS A 124 -28.73 7.43 0.48
CA CYS A 124 -28.71 6.72 1.79
C CYS A 124 -27.34 6.11 2.04
N ALA A 125 -26.72 5.50 1.02
CA ALA A 125 -25.38 4.87 1.09
C ALA A 125 -24.36 5.92 1.53
N LEU A 126 -24.40 7.10 0.92
CA LEU A 126 -23.48 8.23 1.23
C LEU A 126 -23.73 8.71 2.67
N ILE A 127 -24.99 8.94 3.04
CA ILE A 127 -25.37 9.43 4.40
C ILE A 127 -24.86 8.41 5.44
N ARG A 128 -25.19 7.14 5.26
CA ARG A 128 -24.79 6.04 6.17
C ARG A 128 -23.27 6.05 6.35
N ARG A 129 -22.51 6.02 5.24
CA ARG A 129 -21.02 5.86 5.32
C ARG A 129 -20.39 7.14 5.89
N ILE A 130 -20.87 8.33 5.54
CA ILE A 130 -20.33 9.61 6.09
C ILE A 130 -20.54 9.62 7.61
N CYS A 131 -21.74 9.24 8.08
CA CYS A 131 -22.12 9.23 9.52
C CYS A 131 -21.33 8.15 10.26
N GLU A 132 -21.06 7.01 9.61
CA GLU A 132 -20.17 5.94 10.17
C GLU A 132 -18.78 6.53 10.39
N LEU A 133 -18.26 7.28 9.42
CA LEU A 133 -16.92 7.91 9.47
C LEU A 133 -16.89 8.96 10.59
N LEU A 134 -17.96 9.76 10.73
CA LEU A 134 -18.06 10.82 11.77
C LEU A 134 -18.05 10.20 13.17
N ASP A 135 -18.72 9.05 13.35
CA ASP A 135 -18.79 8.31 14.63
C ASP A 135 -17.38 7.94 15.09
N ARG A 136 -16.47 7.65 14.16
CA ARG A 136 -15.09 7.17 14.44
C ARG A 136 -14.11 8.35 14.49
N ASP A 137 -14.56 9.58 14.21
CA ASP A 137 -13.73 10.81 14.22
C ASP A 137 -13.48 11.22 15.67
N ALA A 138 -12.26 10.98 16.16
CA ALA A 138 -11.86 11.17 17.58
C ALA A 138 -11.76 12.66 17.94
N SER A 139 -11.71 13.56 16.95
CA SER A 139 -11.55 15.02 17.13
C SER A 139 -12.88 15.69 17.53
N LEU A 140 -14.00 15.00 17.36
CA LEU A 140 -15.36 15.52 17.66
C LEU A 140 -15.83 14.98 19.02
N SER A 141 -16.47 15.83 19.83
CA SER A 141 -17.27 15.44 21.02
C SER A 141 -18.49 14.63 20.55
N ALA A 142 -19.11 13.87 21.47
CA ALA A 142 -20.33 13.07 21.22
C ALA A 142 -21.43 13.99 20.67
N ALA A 143 -21.62 15.16 21.29
CA ALA A 143 -22.65 16.16 20.94
C ALA A 143 -22.37 16.76 19.56
N GLN A 144 -21.11 17.05 19.25
CA GLN A 144 -20.69 17.67 17.96
C GLN A 144 -20.89 16.67 16.81
N ALA A 145 -20.47 15.41 17.02
CA ALA A 145 -20.63 14.31 16.05
C ALA A 145 -22.12 14.11 15.74
N ALA A 146 -22.96 14.11 16.79
CA ALA A 146 -24.43 13.93 16.69
C ALA A 146 -25.03 15.03 15.82
N ALA A 147 -24.72 16.29 16.13
CA ALA A 147 -25.20 17.48 15.39
C ALA A 147 -24.73 17.40 13.93
N THR A 148 -23.49 16.95 13.70
CA THR A 148 -22.87 16.88 12.34
C THR A 148 -23.59 15.82 11.50
N CYS A 149 -23.93 14.67 12.09
CA CYS A 149 -24.65 13.58 11.40
C CYS A 149 -26.04 14.05 10.96
N ARG A 150 -26.75 14.79 11.82
CA ARG A 150 -28.08 15.37 11.52
C ARG A 150 -27.94 16.32 10.32
N TYR A 151 -26.89 17.15 10.30
CA TYR A 151 -26.58 18.08 9.19
C TYR A 151 -26.31 17.30 7.90
N VAL A 152 -25.50 16.23 8.00
CA VAL A 152 -25.13 15.38 6.82
C VAL A 152 -26.42 14.82 6.19
N ALA A 153 -27.33 14.25 6.99
CA ALA A 153 -28.62 13.70 6.51
C ALA A 153 -29.44 14.83 5.87
N ASP A 154 -29.56 15.97 6.55
CA ASP A 154 -30.38 17.13 6.08
C ASP A 154 -29.84 17.63 4.74
N VAL A 155 -28.55 17.94 4.64
CA VAL A 155 -27.97 18.63 3.47
C VAL A 155 -27.92 17.66 2.27
N THR A 156 -27.62 16.39 2.52
CA THR A 156 -27.61 15.33 1.46
C THR A 156 -29.04 15.21 0.90
N MET A 157 -30.04 15.15 1.79
CA MET A 157 -31.46 14.99 1.39
C MET A 157 -31.96 16.25 0.68
N THR A 158 -31.45 17.43 1.04
CA THR A 158 -31.76 18.69 0.33
C THR A 158 -31.24 18.61 -1.11
N ALA A 159 -29.98 18.18 -1.28
CA ALA A 159 -29.36 17.95 -2.61
C ALA A 159 -30.22 16.97 -3.42
N VAL A 160 -30.62 15.85 -2.79
CA VAL A 160 -31.49 14.80 -3.41
C VAL A 160 -32.82 15.43 -3.84
N GLU A 161 -33.41 16.27 -2.99
CA GLU A 161 -34.69 16.97 -3.28
C GLU A 161 -34.53 17.78 -4.57
N MET A 162 -33.44 18.57 -4.67
CA MET A 162 -33.14 19.45 -5.83
C MET A 162 -33.01 18.58 -7.09
N MET A 163 -32.27 17.47 -6.98
CA MET A 163 -32.09 16.49 -8.08
C MET A 163 -33.45 15.92 -8.50
N CYS A 164 -34.35 15.66 -7.55
CA CYS A 164 -35.64 14.96 -7.80
C CYS A 164 -36.70 15.90 -8.41
N HIS A 165 -36.46 17.21 -8.42
CA HIS A 165 -37.33 18.21 -9.09
C HIS A 165 -37.53 17.83 -10.56
N ALA A 166 -36.51 17.24 -11.19
CA ALA A 166 -36.50 16.83 -12.61
C ALA A 166 -37.54 15.73 -12.89
N TYR A 167 -37.96 14.97 -11.87
CA TYR A 167 -38.82 13.75 -12.02
C TYR A 167 -40.31 14.10 -12.03
N SER A 168 -40.68 15.35 -11.72
CA SER A 168 -42.10 15.80 -11.66
C SER A 168 -42.44 16.64 -12.90
N PRO B 13 18.84 14.74 -1.26
CA PRO B 13 18.14 14.04 -2.36
C PRO B 13 16.67 14.45 -2.41
N SER B 14 16.28 15.25 -3.40
CA SER B 14 14.94 15.87 -3.53
C SER B 14 13.92 14.83 -3.96
N PRO B 15 12.61 15.04 -3.67
CA PRO B 15 11.56 14.13 -4.10
C PRO B 15 11.45 13.96 -5.62
N GLU B 16 11.82 14.99 -6.39
CA GLU B 16 11.85 14.97 -7.87
C GLU B 16 12.82 13.87 -8.34
N ILE B 17 13.98 13.76 -7.69
CA ILE B 17 15.06 12.79 -8.01
C ILE B 17 14.59 11.38 -7.59
N LEU B 18 14.10 11.25 -6.36
CA LEU B 18 13.64 9.94 -5.79
C LEU B 18 12.51 9.38 -6.67
N ALA B 19 11.63 10.24 -7.16
CA ALA B 19 10.45 9.89 -8.00
C ALA B 19 10.91 9.10 -9.24
N LEU B 20 12.07 9.44 -9.82
CA LEU B 20 12.65 8.73 -10.98
C LEU B 20 12.82 7.25 -10.64
N ARG B 21 13.29 6.93 -9.43
CA ARG B 21 13.58 5.54 -9.00
C ARG B 21 12.27 4.76 -8.87
N TRP B 22 11.24 5.37 -8.29
CA TRP B 22 9.89 4.75 -8.14
C TRP B 22 9.33 4.46 -9.52
N LYS B 23 9.37 5.44 -10.42
CA LYS B 23 8.82 5.34 -11.80
C LYS B 23 9.56 4.23 -12.56
N ASP B 24 10.90 4.24 -12.50
CA ASP B 24 11.76 3.23 -13.17
C ASP B 24 11.41 1.84 -12.68
N THR B 25 11.31 1.65 -11.35
CA THR B 25 10.99 0.35 -10.71
C THR B 25 9.66 -0.16 -11.26
N CYS B 26 8.63 0.69 -11.28
CA CYS B 26 7.25 0.34 -11.71
C CYS B 26 7.23 0.10 -13.23
N ALA B 27 8.05 0.80 -13.99
CA ALA B 27 8.09 0.74 -15.48
C ALA B 27 8.59 -0.65 -15.93
N HIS B 28 9.22 -1.43 -15.04
CA HIS B 28 9.66 -2.82 -15.29
C HIS B 28 8.44 -3.73 -15.50
N TYR B 29 7.26 -3.31 -15.03
CA TYR B 29 5.98 -4.07 -15.10
C TYR B 29 4.98 -3.28 -15.94
N SER B 30 3.93 -3.96 -16.42
CA SER B 30 2.81 -3.35 -17.18
C SER B 30 1.79 -2.81 -16.18
N PRO B 31 0.93 -1.84 -16.58
CA PRO B 31 -0.16 -1.37 -15.72
C PRO B 31 -1.10 -2.49 -15.22
N HIS B 32 -1.13 -3.63 -15.91
CA HIS B 32 -1.94 -4.82 -15.53
C HIS B 32 -1.47 -5.36 -14.18
N GLU B 33 -0.15 -5.38 -13.94
CA GLU B 33 0.44 -5.75 -12.62
C GLU B 33 0.10 -4.69 -11.58
N TRP B 34 0.20 -3.40 -11.94
CA TRP B 34 -0.07 -2.26 -11.01
C TRP B 34 -1.50 -2.36 -10.47
N VAL B 35 -2.46 -2.66 -11.36
CA VAL B 35 -3.91 -2.64 -11.05
C VAL B 35 -4.27 -3.93 -10.31
N ALA B 36 -3.74 -5.07 -10.75
CA ALA B 36 -3.93 -6.40 -10.12
C ALA B 36 -3.47 -6.34 -8.66
N ALA B 37 -2.29 -5.77 -8.40
CA ALA B 37 -1.72 -5.58 -7.04
C ALA B 37 -2.58 -4.60 -6.24
N ARG B 38 -2.90 -3.45 -6.83
CA ARG B 38 -3.72 -2.38 -6.16
C ARG B 38 -5.10 -2.95 -5.78
N ASN B 39 -5.70 -3.77 -6.65
CA ASN B 39 -7.05 -4.37 -6.43
C ASN B 39 -7.01 -5.27 -5.19
N VAL B 40 -6.04 -6.16 -5.09
CA VAL B 40 -5.91 -7.15 -3.98
C VAL B 40 -5.57 -6.42 -2.68
N VAL B 41 -4.68 -5.41 -2.73
CA VAL B 41 -4.21 -4.65 -1.54
C VAL B 41 -5.38 -3.84 -0.96
N THR B 42 -6.09 -3.08 -1.81
CA THR B 42 -7.20 -2.19 -1.38
C THR B 42 -8.37 -3.01 -0.83
N ALA B 43 -8.62 -4.20 -1.40
CA ALA B 43 -9.72 -5.11 -1.01
C ALA B 43 -9.43 -5.77 0.35
N ASN B 44 -8.15 -5.92 0.72
CA ASN B 44 -7.72 -6.69 1.92
C ASN B 44 -6.86 -5.82 2.85
N LYS B 45 -6.94 -4.49 2.74
CA LYS B 45 -6.00 -3.56 3.44
C LYS B 45 -6.18 -3.67 4.96
N ALA B 46 -7.40 -3.81 5.46
CA ALA B 46 -7.69 -3.97 6.91
C ALA B 46 -7.08 -5.28 7.41
N ALA B 47 -7.26 -6.38 6.66
CA ALA B 47 -6.71 -7.72 6.97
C ALA B 47 -5.18 -7.71 6.90
N LEU B 48 -4.60 -6.94 5.97
CA LEU B 48 -3.13 -6.80 5.80
C LEU B 48 -2.55 -6.05 7.01
N ALA B 49 -3.22 -4.99 7.47
CA ALA B 49 -2.87 -4.23 8.69
C ALA B 49 -2.91 -5.18 9.90
N ASP B 50 -3.98 -5.97 10.05
CA ASP B 50 -4.15 -6.96 11.15
C ASP B 50 -2.92 -7.88 11.19
N TYR B 51 -2.52 -8.41 10.02
CA TYR B 51 -1.40 -9.37 9.86
C TYR B 51 -0.08 -8.71 10.28
N PHE B 52 0.13 -7.46 9.85
CA PHE B 52 1.34 -6.65 10.18
C PHE B 52 1.52 -6.62 11.71
N TYR B 53 0.48 -6.23 12.44
CA TYR B 53 0.54 -5.96 13.90
C TYR B 53 0.58 -7.28 14.68
N GLU B 54 -0.07 -8.34 14.16
CA GLU B 54 0.01 -9.70 14.75
C GLU B 54 1.46 -10.20 14.70
N CYS B 55 2.12 -10.02 13.55
CA CYS B 55 3.54 -10.43 13.33
C CYS B 55 4.48 -9.54 14.17
N MET B 56 4.20 -8.24 14.25
CA MET B 56 5.08 -7.24 14.92
C MET B 56 5.02 -7.45 16.44
N LEU B 57 3.82 -7.47 17.02
CA LEU B 57 3.59 -7.52 18.50
C LEU B 57 4.00 -8.88 19.07
N ALA B 58 4.28 -9.87 18.22
CA ALA B 58 4.77 -11.22 18.61
C ALA B 58 6.21 -11.13 19.13
N ASP B 59 6.97 -10.11 18.71
CA ASP B 59 8.36 -9.83 19.18
C ASP B 59 8.33 -8.75 20.26
N PRO B 60 8.66 -9.07 21.53
CA PRO B 60 8.79 -8.07 22.58
C PRO B 60 9.65 -6.85 22.23
N ASN B 61 10.71 -7.04 21.44
CA ASN B 61 11.61 -5.96 20.96
C ASN B 61 10.80 -4.93 20.14
N ALA B 62 9.78 -5.39 19.42
CA ALA B 62 8.87 -4.55 18.61
C ALA B 62 7.72 -4.04 19.48
N ALA B 63 7.13 -4.90 20.31
CA ALA B 63 6.01 -4.58 21.23
C ALA B 63 6.40 -3.41 22.15
N PHE B 64 7.70 -3.28 22.45
CA PHE B 64 8.31 -2.18 23.25
C PHE B 64 7.81 -0.81 22.75
N PHE B 65 7.70 -0.64 21.43
CA PHE B 65 7.42 0.66 20.76
C PHE B 65 5.92 0.87 20.54
N LEU B 66 5.09 -0.15 20.81
CA LEU B 66 3.64 -0.17 20.48
C LEU B 66 2.80 -0.34 21.74
N SER B 67 1.68 0.39 21.80
CA SER B 67 0.55 0.15 22.74
C SER B 67 -0.66 -0.30 21.92
N ASP B 68 -1.54 -1.10 22.51
CA ASP B 68 -2.82 -1.53 21.86
C ASP B 68 -3.59 -0.27 21.43
N GLN B 69 -3.69 0.74 22.31
CA GLN B 69 -4.42 2.00 22.03
C GLN B 69 -3.83 2.69 20.79
N LEU B 70 -2.51 2.82 20.72
CA LEU B 70 -1.79 3.47 19.59
C LEU B 70 -2.15 2.77 18.27
N VAL B 71 -2.07 1.42 18.25
CA VAL B 71 -2.39 0.58 17.06
C VAL B 71 -3.87 0.78 16.70
N LYS B 72 -4.77 0.60 17.66
CA LYS B 72 -6.24 0.56 17.42
C LYS B 72 -6.74 1.93 16.94
N THR B 73 -6.24 3.03 17.52
CA THR B 73 -6.80 4.39 17.31
C THR B 73 -6.03 5.17 16.23
N LYS B 74 -4.80 4.77 15.87
CA LYS B 74 -3.99 5.55 14.88
C LYS B 74 -3.36 4.63 13.83
N LEU B 75 -2.45 3.73 14.23
CA LEU B 75 -1.49 3.07 13.31
C LEU B 75 -2.20 2.08 12.37
N HIS B 76 -3.24 1.38 12.83
CA HIS B 76 -4.00 0.41 12.01
C HIS B 76 -4.55 1.13 10.76
N ALA B 77 -5.14 2.31 10.95
CA ALA B 77 -5.70 3.17 9.88
C ALA B 77 -4.57 3.77 9.03
N ALA B 78 -3.46 4.15 9.65
CA ALA B 78 -2.29 4.76 9.00
C ALA B 78 -1.61 3.73 8.08
N MET B 79 -1.63 2.44 8.48
CA MET B 79 -1.07 1.32 7.68
C MET B 79 -1.95 1.07 6.45
N GLN B 80 -3.27 1.11 6.61
CA GLN B 80 -4.22 0.99 5.47
C GLN B 80 -3.94 2.11 4.46
N ASP B 81 -3.79 3.35 4.95
CA ASP B 81 -3.52 4.55 4.13
C ASP B 81 -2.14 4.41 3.45
N TRP B 82 -1.15 3.89 4.18
CA TRP B 82 0.22 3.64 3.66
C TRP B 82 0.15 2.70 2.45
N LEU B 83 -0.53 1.56 2.60
CA LEU B 83 -0.73 0.56 1.52
C LEU B 83 -1.40 1.25 0.32
N GLU B 84 -2.47 2.01 0.54
CA GLU B 84 -3.17 2.80 -0.50
C GLU B 84 -2.17 3.67 -1.25
N SER B 85 -1.31 4.39 -0.52
CA SER B 85 -0.29 5.32 -1.08
C SER B 85 0.66 4.57 -2.02
N VAL B 86 1.21 3.44 -1.55
CA VAL B 86 2.24 2.65 -2.28
C VAL B 86 1.67 2.18 -3.63
N TYR B 87 0.44 1.65 -3.64
CA TYR B 87 -0.16 0.95 -4.80
C TYR B 87 -0.96 1.92 -5.67
N ALA B 88 -1.17 3.16 -5.21
CA ALA B 88 -1.81 4.25 -5.99
C ALA B 88 -0.77 4.96 -6.85
N ALA B 89 0.51 4.98 -6.45
CA ALA B 89 1.58 5.84 -6.99
C ALA B 89 1.65 5.71 -8.52
N ALA B 90 1.90 4.51 -9.04
CA ALA B 90 2.15 4.26 -10.48
C ALA B 90 0.87 4.49 -11.30
N PRO B 91 -0.28 3.84 -10.94
CA PRO B 91 -1.52 4.06 -11.68
C PRO B 91 -2.00 5.52 -11.78
N THR B 92 -1.65 6.36 -10.80
CA THR B 92 -2.06 7.80 -10.72
C THR B 92 -0.91 8.72 -11.13
N GLU B 93 0.30 8.17 -11.37
CA GLU B 93 1.53 8.92 -11.75
C GLU B 93 1.87 9.96 -10.68
N GLU B 94 1.54 9.69 -9.41
CA GLU B 94 1.81 10.59 -8.25
C GLU B 94 3.11 10.16 -7.59
N TYR B 95 4.19 10.10 -8.36
CA TYR B 95 5.52 9.58 -7.91
C TYR B 95 6.14 10.55 -6.91
N GLU B 96 6.13 11.87 -7.21
CA GLU B 96 6.77 12.91 -6.35
C GLU B 96 6.04 12.99 -5.00
N ARG B 97 4.70 12.94 -5.00
CA ARG B 97 3.87 12.99 -3.77
C ARG B 97 4.17 11.77 -2.88
N THR B 98 4.25 10.58 -3.49
CA THR B 98 4.43 9.28 -2.78
C THR B 98 5.80 9.26 -2.09
N VAL B 99 6.87 9.57 -2.83
CA VAL B 99 8.27 9.54 -2.29
C VAL B 99 8.39 10.57 -1.16
N ALA B 100 7.75 11.73 -1.31
CA ALA B 100 7.71 12.81 -0.29
C ALA B 100 7.05 12.26 0.98
N PHE B 101 5.91 11.57 0.84
CA PHE B 101 5.17 10.93 1.96
C PHE B 101 6.03 9.84 2.61
N GLN B 102 6.60 8.93 1.81
CA GLN B 102 7.44 7.80 2.30
C GLN B 102 8.63 8.34 3.09
N ARG B 103 9.26 9.41 2.60
CA ARG B 103 10.42 10.07 3.28
C ARG B 103 10.00 10.52 4.68
N LYS B 104 8.82 11.15 4.79
CA LYS B 104 8.25 11.67 6.06
C LYS B 104 7.98 10.52 7.03
N VAL B 105 7.34 9.45 6.55
CA VAL B 105 7.05 8.23 7.37
C VAL B 105 8.37 7.69 7.91
N GLY B 106 9.39 7.59 7.06
CA GLY B 106 10.76 7.17 7.44
C GLY B 106 11.32 8.01 8.57
N GLU B 107 11.19 9.35 8.45
CA GLU B 107 11.69 10.33 9.46
C GLU B 107 11.03 10.06 10.81
N VAL B 108 9.71 9.81 10.82
CA VAL B 108 8.93 9.53 12.08
C VAL B 108 9.61 8.39 12.84
N HIS B 109 9.99 7.32 12.15
CA HIS B 109 10.56 6.08 12.75
C HIS B 109 12.00 6.32 13.21
N ALA B 110 12.82 6.98 12.39
CA ALA B 110 14.24 7.29 12.67
C ALA B 110 14.34 8.14 13.94
N ARG B 111 13.40 9.07 14.13
CA ARG B 111 13.43 10.11 15.20
C ARG B 111 13.02 9.52 16.55
N ILE B 112 12.31 8.38 16.58
CA ILE B 112 11.98 7.64 17.84
C ILE B 112 12.79 6.35 17.91
N ASP B 113 13.78 6.18 17.01
CA ASP B 113 14.81 5.11 17.05
C ASP B 113 14.17 3.73 16.95
N ILE B 114 13.20 3.55 16.04
CA ILE B 114 12.70 2.19 15.64
C ILE B 114 13.85 1.50 14.95
N PRO B 115 14.32 0.31 15.41
CA PRO B 115 15.39 -0.41 14.74
C PRO B 115 14.99 -0.72 13.30
N VAL B 116 15.86 -0.40 12.33
CA VAL B 116 15.56 -0.52 10.87
C VAL B 116 15.23 -1.98 10.53
N HIS B 117 15.83 -2.95 11.23
CA HIS B 117 15.63 -4.40 10.98
C HIS B 117 14.16 -4.78 11.21
N LEU B 118 13.47 -4.09 12.13
CA LEU B 118 12.03 -4.30 12.40
C LEU B 118 11.19 -3.69 11.26
N VAL B 119 11.63 -2.55 10.71
CA VAL B 119 10.96 -1.90 9.55
C VAL B 119 10.99 -2.89 8.37
N THR B 120 12.16 -3.48 8.09
CA THR B 120 12.36 -4.45 6.97
C THR B 120 11.54 -5.71 7.23
N ARG B 121 11.51 -6.21 8.47
CA ARG B 121 10.67 -7.39 8.85
C ARG B 121 9.20 -7.06 8.57
N GLY B 122 8.74 -5.88 9.01
CA GLY B 122 7.37 -5.39 8.77
C GLY B 122 7.03 -5.41 7.29
N ALA B 123 7.92 -4.86 6.46
CA ALA B 123 7.77 -4.84 4.98
C ALA B 123 7.63 -6.26 4.45
N CYS B 124 8.49 -7.18 4.92
CA CYS B 124 8.49 -8.61 4.51
C CYS B 124 7.14 -9.25 4.82
N ALA B 125 6.56 -8.96 6.00
CA ALA B 125 5.25 -9.48 6.44
C ALA B 125 4.16 -9.06 5.42
N LEU B 126 4.18 -7.80 4.99
CA LEU B 126 3.20 -7.25 4.02
C LEU B 126 3.40 -7.92 2.65
N ILE B 127 4.64 -7.99 2.17
CA ILE B 127 5.00 -8.61 0.85
C ILE B 127 4.51 -10.07 0.85
N ARG B 128 4.85 -10.83 1.89
CA ARG B 128 4.49 -12.26 2.03
C ARG B 128 2.97 -12.41 1.90
N ARG B 129 2.19 -11.67 2.70
CA ARG B 129 0.72 -11.87 2.79
C ARG B 129 0.05 -11.39 1.50
N ILE B 130 0.50 -10.27 0.91
CA ILE B 130 -0.04 -9.77 -0.40
C ILE B 130 0.20 -10.83 -1.47
N CYS B 131 1.38 -11.43 -1.51
CA CYS B 131 1.75 -12.47 -2.51
C CYS B 131 0.95 -13.76 -2.25
N GLU B 132 0.67 -14.10 -0.99
CA GLU B 132 -0.20 -15.24 -0.61
C GLU B 132 -1.61 -15.00 -1.17
N LEU B 133 -2.12 -13.78 -1.01
CA LEU B 133 -3.48 -13.39 -1.50
C LEU B 133 -3.52 -13.42 -3.03
N LEU B 134 -2.46 -12.94 -3.70
CA LEU B 134 -2.34 -12.93 -5.18
C LEU B 134 -2.33 -14.36 -5.71
N ASP B 135 -1.64 -15.27 -5.02
CA ASP B 135 -1.52 -16.71 -5.40
C ASP B 135 -2.90 -17.38 -5.42
N ARG B 136 -3.85 -16.86 -4.65
CA ARG B 136 -5.21 -17.42 -4.49
C ARG B 136 -6.24 -16.65 -5.32
N ASP B 137 -5.83 -15.55 -5.97
CA ASP B 137 -6.72 -14.72 -6.83
C ASP B 137 -7.00 -15.47 -8.13
N ALA B 138 -8.19 -16.08 -8.23
CA ALA B 138 -8.63 -16.94 -9.36
C ALA B 138 -8.71 -16.14 -10.67
N SER B 139 -8.95 -14.83 -10.59
CA SER B 139 -9.16 -13.93 -11.75
C SER B 139 -7.83 -13.65 -12.49
N LEU B 140 -6.70 -13.97 -11.87
CA LEU B 140 -5.34 -13.84 -12.48
C LEU B 140 -4.90 -15.20 -13.02
N SER B 141 -4.20 -15.21 -14.16
CA SER B 141 -3.46 -16.38 -14.70
C SER B 141 -2.21 -16.61 -13.85
N ALA B 142 -1.59 -17.79 -13.97
CA ALA B 142 -0.35 -18.17 -13.24
C ALA B 142 0.76 -17.15 -13.55
N ALA B 143 0.92 -16.79 -14.82
CA ALA B 143 1.96 -15.86 -15.33
C ALA B 143 1.71 -14.43 -14.82
N GLN B 144 0.45 -14.00 -14.80
CA GLN B 144 0.03 -12.66 -14.31
C GLN B 144 0.27 -12.57 -12.80
N ALA B 145 -0.15 -13.60 -12.05
CA ALA B 145 0.03 -13.70 -10.58
C ALA B 145 1.53 -13.60 -10.23
N ALA B 146 2.38 -14.31 -10.98
CA ALA B 146 3.86 -14.33 -10.80
C ALA B 146 4.41 -12.91 -11.00
N ALA B 147 4.08 -12.25 -12.11
CA ALA B 147 4.56 -10.89 -12.46
C ALA B 147 4.06 -9.88 -11.42
N THR B 148 2.82 -10.01 -10.95
CA THR B 148 2.21 -9.09 -9.96
C THR B 148 2.91 -9.26 -8.61
N CYS B 149 3.28 -10.48 -8.24
CA CYS B 149 4.02 -10.78 -6.98
C CYS B 149 5.41 -10.12 -7.04
N ARG B 150 6.10 -10.22 -8.18
CA ARG B 150 7.43 -9.59 -8.39
C ARG B 150 7.28 -8.06 -8.27
N TYR B 151 6.22 -7.48 -8.84
CA TYR B 151 5.90 -6.04 -8.73
C TYR B 151 5.71 -5.65 -7.26
N VAL B 152 4.91 -6.44 -6.53
CA VAL B 152 4.59 -6.22 -5.08
C VAL B 152 5.89 -6.13 -4.27
N ALA B 153 6.78 -7.11 -4.44
CA ALA B 153 8.11 -7.16 -3.76
C ALA B 153 8.90 -5.89 -4.11
N ASP B 154 9.03 -5.58 -5.42
CA ASP B 154 9.80 -4.41 -5.92
C ASP B 154 9.25 -3.11 -5.32
N VAL B 155 7.95 -2.84 -5.49
CA VAL B 155 7.36 -1.52 -5.14
C VAL B 155 7.32 -1.36 -3.62
N THR B 156 7.06 -2.44 -2.86
CA THR B 156 7.06 -2.41 -1.38
C THR B 156 8.48 -2.12 -0.89
N MET B 157 9.49 -2.73 -1.51
CA MET B 157 10.92 -2.55 -1.12
C MET B 157 11.39 -1.15 -1.52
N THR B 158 10.87 -0.58 -2.61
CA THR B 158 11.16 0.81 -3.05
C THR B 158 10.65 1.78 -1.97
N ALA B 159 9.41 1.59 -1.50
CA ALA B 159 8.81 2.39 -0.40
C ALA B 159 9.70 2.28 0.84
N VAL B 160 10.08 1.06 1.22
CA VAL B 160 10.99 0.78 2.39
C VAL B 160 12.31 1.55 2.19
N GLU B 161 12.87 1.51 0.99
CA GLU B 161 14.12 2.24 0.63
C GLU B 161 13.92 3.73 0.95
N MET B 162 12.80 4.31 0.49
CA MET B 162 12.46 5.75 0.67
C MET B 162 12.37 6.05 2.18
N MET B 163 11.70 5.19 2.94
CA MET B 163 11.58 5.29 4.41
C MET B 163 12.98 5.26 5.05
N CYS B 164 13.86 4.36 4.58
CA CYS B 164 15.17 4.05 5.22
C CYS B 164 16.22 5.13 4.91
N HIS B 165 15.91 6.10 4.05
CA HIS B 165 16.77 7.30 3.79
C HIS B 165 16.97 8.08 5.09
N ALA B 166 15.96 8.09 5.97
CA ALA B 166 15.95 8.82 7.27
C ALA B 166 16.98 8.24 8.25
N TYR B 167 17.46 7.01 8.00
CA TYR B 167 18.32 6.23 8.93
C TYR B 167 19.81 6.49 8.65
N SER B 168 20.14 7.22 7.58
CA SER B 168 21.53 7.56 7.19
C SER B 168 21.85 9.00 7.59
N SER C 14 20.45 -12.61 20.75
CA SER C 14 21.14 -13.89 21.07
C SER C 14 21.24 -14.75 19.81
N PRO C 15 22.41 -15.38 19.52
CA PRO C 15 22.57 -16.18 18.30
C PRO C 15 21.70 -17.44 18.26
N GLU C 16 21.33 -17.96 19.43
CA GLU C 16 20.42 -19.14 19.57
C GLU C 16 19.00 -18.72 19.16
N ILE C 17 18.59 -17.50 19.54
CA ILE C 17 17.25 -16.92 19.25
C ILE C 17 17.13 -16.61 17.76
N LEU C 18 18.18 -16.05 17.15
CA LEU C 18 18.21 -15.66 15.72
C LEU C 18 18.24 -16.93 14.84
N ALA C 19 18.99 -17.95 15.27
CA ALA C 19 19.01 -19.29 14.63
C ALA C 19 17.58 -19.85 14.58
N LEU C 20 16.83 -19.71 15.68
CA LEU C 20 15.44 -20.18 15.82
C LEU C 20 14.51 -19.38 14.89
N ARG C 21 14.72 -18.06 14.80
CA ARG C 21 13.94 -17.13 13.93
C ARG C 21 14.07 -17.58 12.47
N TRP C 22 15.30 -17.91 12.03
CA TRP C 22 15.60 -18.39 10.66
C TRP C 22 14.84 -19.71 10.39
N LYS C 23 14.96 -20.66 11.33
CA LYS C 23 14.29 -21.99 11.25
C LYS C 23 12.77 -21.79 11.16
N ASP C 24 12.21 -20.90 11.98
CA ASP C 24 10.76 -20.58 12.02
C ASP C 24 10.30 -20.05 10.65
N THR C 25 11.05 -19.11 10.06
CA THR C 25 10.73 -18.50 8.74
C THR C 25 10.68 -19.58 7.67
N CYS C 26 11.70 -20.45 7.63
CA CYS C 26 11.85 -21.53 6.61
C CYS C 26 10.79 -22.62 6.86
N ALA C 27 10.39 -22.83 8.12
CA ALA C 27 9.41 -23.87 8.53
C ALA C 27 8.02 -23.59 7.95
N HIS C 28 7.75 -22.35 7.53
CA HIS C 28 6.49 -21.95 6.84
C HIS C 28 6.41 -22.64 5.46
N TYR C 29 7.54 -23.13 4.92
CA TYR C 29 7.66 -23.72 3.56
C TYR C 29 8.12 -25.17 3.64
N SER C 30 7.82 -25.92 2.58
CA SER C 30 8.25 -27.33 2.38
C SER C 30 9.73 -27.36 2.03
N PRO C 31 10.47 -28.44 2.40
CA PRO C 31 11.82 -28.67 1.88
C PRO C 31 11.91 -28.52 0.35
N HIS C 32 10.82 -28.81 -0.37
CA HIS C 32 10.72 -28.71 -1.85
C HIS C 32 10.98 -27.26 -2.28
N GLU C 33 10.48 -26.28 -1.52
CA GLU C 33 10.75 -24.83 -1.75
C GLU C 33 12.23 -24.56 -1.49
N TRP C 34 12.78 -25.06 -0.39
CA TRP C 34 14.21 -24.88 -0.02
C TRP C 34 15.09 -25.37 -1.18
N VAL C 35 14.74 -26.53 -1.75
CA VAL C 35 15.52 -27.24 -2.82
C VAL C 35 15.43 -26.44 -4.12
N ALA C 36 14.20 -26.09 -4.56
CA ALA C 36 13.94 -25.34 -5.81
C ALA C 36 14.74 -24.02 -5.79
N ALA C 37 14.68 -23.29 -4.67
CA ALA C 37 15.39 -22.00 -4.47
C ALA C 37 16.91 -22.23 -4.51
N ARG C 38 17.40 -23.18 -3.71
CA ARG C 38 18.86 -23.47 -3.61
C ARG C 38 19.41 -23.86 -4.99
N ASN C 39 18.64 -24.63 -5.76
CA ASN C 39 19.04 -25.14 -7.11
C ASN C 39 19.17 -23.97 -8.10
N VAL C 40 18.15 -23.11 -8.19
CA VAL C 40 18.17 -21.96 -9.14
C VAL C 40 19.31 -21.01 -8.76
N VAL C 41 19.55 -20.83 -7.45
CA VAL C 41 20.60 -19.91 -6.91
C VAL C 41 21.98 -20.46 -7.27
N THR C 42 22.25 -21.73 -6.96
CA THR C 42 23.56 -22.41 -7.25
C THR C 42 23.82 -22.41 -8.76
N ALA C 43 22.79 -22.64 -9.57
CA ALA C 43 22.87 -22.75 -11.05
C ALA C 43 23.12 -21.36 -11.68
N ASN C 44 22.87 -20.27 -10.95
CA ASN C 44 22.95 -18.88 -11.49
C ASN C 44 23.70 -17.96 -10.53
N LYS C 45 24.53 -18.49 -9.61
CA LYS C 45 25.12 -17.70 -8.50
C LYS C 45 26.04 -16.61 -9.07
N ALA C 46 26.86 -16.92 -10.09
CA ALA C 46 27.76 -15.96 -10.76
C ALA C 46 26.95 -14.86 -11.45
N ALA C 47 25.89 -15.24 -12.17
CA ALA C 47 25.00 -14.33 -12.93
C ALA C 47 24.20 -13.43 -11.97
N LEU C 48 23.84 -13.94 -10.78
CA LEU C 48 23.13 -13.17 -9.73
C LEU C 48 24.07 -12.13 -9.12
N ALA C 49 25.32 -12.51 -8.85
CA ALA C 49 26.39 -11.59 -8.40
C ALA C 49 26.58 -10.50 -9.48
N ASP C 50 26.73 -10.90 -10.75
CA ASP C 50 26.81 -9.96 -11.91
C ASP C 50 25.67 -8.94 -11.83
N TYR C 51 24.42 -9.42 -11.75
CA TYR C 51 23.19 -8.58 -11.73
C TYR C 51 23.23 -7.61 -10.54
N PHE C 52 23.62 -8.11 -9.36
CA PHE C 52 23.71 -7.31 -8.11
C PHE C 52 24.63 -6.10 -8.34
N TYR C 53 25.83 -6.32 -8.87
CA TYR C 53 26.88 -5.26 -9.01
C TYR C 53 26.57 -4.37 -10.21
N GLU C 54 25.95 -4.92 -11.26
CA GLU C 54 25.43 -4.12 -12.41
C GLU C 54 24.45 -3.07 -11.88
N CYS C 55 23.54 -3.47 -10.99
CA CYS C 55 22.50 -2.61 -10.37
C CYS C 55 23.16 -1.59 -9.41
N MET C 56 24.04 -2.05 -8.52
CA MET C 56 24.70 -1.20 -7.48
C MET C 56 25.58 -0.15 -8.15
N LEU C 57 26.44 -0.55 -9.08
CA LEU C 57 27.52 0.31 -9.66
C LEU C 57 26.93 1.36 -10.61
N ALA C 58 25.66 1.21 -11.02
CA ALA C 58 24.91 2.19 -11.83
C ALA C 58 24.65 3.46 -11.01
N ASP C 59 24.39 3.30 -9.70
CA ASP C 59 24.12 4.41 -8.75
C ASP C 59 25.45 5.00 -8.26
N PRO C 60 25.74 6.29 -8.54
CA PRO C 60 26.98 6.90 -8.07
C PRO C 60 27.11 6.97 -6.54
N ASN C 61 25.97 6.94 -5.82
CA ASN C 61 25.91 6.97 -4.34
C ASN C 61 26.44 5.63 -3.78
N ALA C 62 26.11 4.52 -4.43
CA ALA C 62 26.54 3.15 -4.07
C ALA C 62 27.96 2.89 -4.60
N ALA C 63 28.24 3.32 -5.83
CA ALA C 63 29.54 3.13 -6.53
C ALA C 63 30.68 3.80 -5.75
N PHE C 64 30.36 4.79 -4.91
CA PHE C 64 31.30 5.46 -3.97
C PHE C 64 32.00 4.42 -3.10
N PHE C 65 31.23 3.47 -2.55
CA PHE C 65 31.69 2.43 -1.59
C PHE C 65 32.24 1.20 -2.34
N LEU C 66 31.83 1.01 -3.60
CA LEU C 66 32.14 -0.19 -4.43
C LEU C 66 33.00 0.21 -5.63
N SER C 67 34.32 0.05 -5.53
CA SER C 67 35.28 0.20 -6.66
C SER C 67 35.06 -0.97 -7.64
N ASP C 68 35.33 -0.75 -8.92
CA ASP C 68 35.18 -1.76 -9.99
C ASP C 68 36.11 -2.94 -9.71
N GLN C 69 37.27 -2.67 -9.09
CA GLN C 69 38.33 -3.68 -8.81
C GLN C 69 37.90 -4.54 -7.60
N LEU C 70 37.43 -3.89 -6.52
CA LEU C 70 36.99 -4.55 -5.26
C LEU C 70 35.92 -5.61 -5.57
N VAL C 71 35.08 -5.37 -6.58
CA VAL C 71 34.02 -6.33 -7.04
C VAL C 71 34.70 -7.53 -7.71
N LYS C 72 35.43 -7.29 -8.81
CA LYS C 72 36.01 -8.34 -9.69
C LYS C 72 36.90 -9.30 -8.88
N THR C 73 37.69 -8.77 -7.94
CA THR C 73 38.80 -9.49 -7.25
C THR C 73 38.34 -10.12 -5.94
N LYS C 74 37.22 -9.64 -5.34
CA LYS C 74 36.78 -10.10 -3.99
C LYS C 74 35.25 -10.24 -3.94
N LEU C 75 34.52 -9.12 -3.87
CA LEU C 75 33.09 -9.07 -3.43
C LEU C 75 32.20 -9.91 -4.34
N HIS C 76 32.55 -10.05 -5.63
CA HIS C 76 31.82 -10.91 -6.60
C HIS C 76 31.81 -12.36 -6.09
N ALA C 77 32.96 -12.85 -5.62
CA ALA C 77 33.14 -14.21 -5.05
C ALA C 77 32.42 -14.29 -3.69
N ALA C 78 32.49 -13.23 -2.88
CA ALA C 78 31.86 -13.14 -1.55
C ALA C 78 30.33 -13.21 -1.67
N MET C 79 29.76 -12.52 -2.67
CA MET C 79 28.29 -12.51 -2.92
C MET C 79 27.82 -13.92 -3.29
N GLN C 80 28.57 -14.62 -4.15
CA GLN C 80 28.28 -16.03 -4.52
C GLN C 80 28.27 -16.89 -3.25
N ASP C 81 29.28 -16.75 -2.40
CA ASP C 81 29.42 -17.48 -1.11
C ASP C 81 28.23 -17.14 -0.19
N TRP C 82 27.82 -15.87 -0.17
CA TRP C 82 26.67 -15.37 0.65
C TRP C 82 25.39 -16.07 0.20
N LEU C 83 25.12 -16.08 -1.11
CA LEU C 83 23.93 -16.73 -1.73
C LEU C 83 23.90 -18.22 -1.35
N GLU C 84 25.02 -18.92 -1.52
CA GLU C 84 25.13 -20.37 -1.22
C GLU C 84 24.81 -20.62 0.26
N SER C 85 25.36 -19.79 1.15
CA SER C 85 25.17 -19.86 2.63
C SER C 85 23.68 -19.68 2.98
N VAL C 86 23.03 -18.66 2.41
CA VAL C 86 21.61 -18.31 2.72
C VAL C 86 20.69 -19.48 2.36
N TYR C 87 20.91 -20.12 1.21
CA TYR C 87 19.99 -21.15 0.64
C TYR C 87 20.41 -22.55 1.05
N ALA C 88 21.60 -22.71 1.66
CA ALA C 88 22.09 -23.98 2.24
C ALA C 88 21.55 -24.16 3.67
N ALA C 89 21.23 -23.06 4.36
CA ALA C 89 20.91 -23.02 5.81
C ALA C 89 19.84 -24.07 6.14
N ALA C 90 18.63 -23.94 5.58
CA ALA C 90 17.46 -24.78 5.93
C ALA C 90 17.73 -26.24 5.54
N PRO C 91 18.10 -26.55 4.27
CA PRO C 91 18.36 -27.93 3.86
C PRO C 91 19.41 -28.67 4.70
N THR C 92 20.47 -27.99 5.13
CA THR C 92 21.62 -28.57 5.89
C THR C 92 21.44 -28.36 7.40
N GLU C 93 20.39 -27.62 7.81
CA GLU C 93 20.08 -27.28 9.22
C GLU C 93 21.29 -26.57 9.86
N GLU C 94 22.04 -25.77 9.09
CA GLU C 94 23.20 -24.99 9.57
C GLU C 94 22.73 -23.55 9.86
N TYR C 95 21.75 -23.41 10.75
CA TYR C 95 21.08 -22.13 11.09
C TYR C 95 22.05 -21.23 11.86
N GLU C 96 22.79 -21.80 12.82
CA GLU C 96 23.69 -21.06 13.75
C GLU C 96 24.85 -20.43 12.96
N ARG C 97 25.40 -21.13 11.96
CA ARG C 97 26.59 -20.67 11.19
C ARG C 97 26.18 -19.53 10.26
N THR C 98 25.01 -19.63 9.64
CA THR C 98 24.50 -18.63 8.66
C THR C 98 24.23 -17.30 9.38
N VAL C 99 23.57 -17.33 10.54
CA VAL C 99 23.22 -16.11 11.33
C VAL C 99 24.51 -15.46 11.83
N ALA C 100 25.50 -16.26 12.22
CA ALA C 100 26.85 -15.80 12.63
C ALA C 100 27.51 -15.06 11.46
N PHE C 101 27.36 -15.59 10.25
CA PHE C 101 27.89 -15.01 8.99
C PHE C 101 27.14 -13.71 8.67
N GLN C 102 25.80 -13.71 8.83
CA GLN C 102 24.95 -12.50 8.61
C GLN C 102 25.41 -11.38 9.55
N ARG C 103 25.55 -11.68 10.83
CA ARG C 103 26.04 -10.74 11.89
C ARG C 103 27.41 -10.19 11.48
N LYS C 104 28.29 -11.03 10.94
CA LYS C 104 29.66 -10.65 10.49
C LYS C 104 29.56 -9.63 9.35
N VAL C 105 28.79 -9.96 8.31
CA VAL C 105 28.58 -9.10 7.09
C VAL C 105 27.96 -7.77 7.55
N GLY C 106 26.98 -7.84 8.45
CA GLY C 106 26.29 -6.65 9.00
C GLY C 106 27.26 -5.70 9.68
N GLU C 107 28.13 -6.24 10.53
CA GLU C 107 29.15 -5.47 11.30
C GLU C 107 30.10 -4.77 10.32
N VAL C 108 30.49 -5.46 9.25
CA VAL C 108 31.40 -4.93 8.18
C VAL C 108 30.75 -3.69 7.54
N HIS C 109 29.47 -3.79 7.16
CA HIS C 109 28.69 -2.71 6.50
C HIS C 109 28.53 -1.52 7.44
N ALA C 110 28.07 -1.77 8.68
CA ALA C 110 27.81 -0.74 9.72
C ALA C 110 29.12 -0.02 10.09
N ARG C 111 30.25 -0.73 10.03
CA ARG C 111 31.60 -0.21 10.38
C ARG C 111 32.01 0.89 9.39
N ILE C 112 31.75 0.68 8.09
CA ILE C 112 32.15 1.60 6.98
C ILE C 112 30.94 2.41 6.51
N ASP C 113 29.86 2.43 7.30
CA ASP C 113 28.68 3.33 7.14
C ASP C 113 28.03 3.11 5.77
N ILE C 114 27.81 1.87 5.35
CA ILE C 114 26.99 1.53 4.15
C ILE C 114 25.55 1.93 4.47
N PRO C 115 24.94 2.87 3.72
CA PRO C 115 23.54 3.25 3.96
C PRO C 115 22.64 2.01 3.90
N VAL C 116 21.79 1.82 4.92
CA VAL C 116 20.90 0.62 5.05
C VAL C 116 19.92 0.58 3.86
N HIS C 117 19.49 1.74 3.35
CA HIS C 117 18.55 1.84 2.20
C HIS C 117 19.19 1.20 0.95
N LEU C 118 20.51 1.28 0.80
CA LEU C 118 21.25 0.63 -0.33
C LEU C 118 21.31 -0.88 -0.11
N VAL C 119 21.45 -1.33 1.14
CA VAL C 119 21.44 -2.78 1.51
C VAL C 119 20.09 -3.38 1.12
N THR C 120 18.98 -2.70 1.45
CA THR C 120 17.59 -3.16 1.16
C THR C 120 17.38 -3.22 -0.36
N ARG C 121 17.86 -2.21 -1.11
CA ARG C 121 17.76 -2.18 -2.60
C ARG C 121 18.52 -3.40 -3.17
N GLY C 122 19.72 -3.66 -2.64
CA GLY C 122 20.57 -4.80 -3.03
C GLY C 122 19.84 -6.12 -2.82
N ALA C 123 19.21 -6.29 -1.67
CA ALA C 123 18.38 -7.47 -1.31
C ALA C 123 17.24 -7.61 -2.33
N CYS C 124 16.58 -6.49 -2.67
CA CYS C 124 15.47 -6.46 -3.64
C CYS C 124 15.95 -6.91 -5.03
N ALA C 125 17.14 -6.47 -5.45
CA ALA C 125 17.76 -6.85 -6.75
C ALA C 125 17.88 -8.38 -6.81
N LEU C 126 18.40 -9.00 -5.74
CA LEU C 126 18.60 -10.47 -5.67
C LEU C 126 17.24 -11.18 -5.66
N ILE C 127 16.30 -10.74 -4.82
CA ILE C 127 14.93 -11.34 -4.71
C ILE C 127 14.27 -11.30 -6.09
N ARG C 128 14.28 -10.13 -6.74
CA ARG C 128 13.65 -9.92 -8.08
C ARG C 128 14.24 -10.91 -9.09
N ARG C 129 15.57 -10.99 -9.19
CA ARG C 129 16.26 -11.78 -10.23
C ARG C 129 16.05 -13.28 -9.98
N ILE C 130 16.15 -13.73 -8.73
CA ILE C 130 15.93 -15.16 -8.35
C ILE C 130 14.50 -15.56 -8.74
N CYS C 131 13.50 -14.71 -8.46
CA CYS C 131 12.06 -14.99 -8.73
C CYS C 131 11.82 -14.96 -10.25
N GLU C 132 12.47 -14.05 -10.98
CA GLU C 132 12.43 -14.00 -12.46
C GLU C 132 12.93 -15.34 -13.03
N LEU C 133 14.03 -15.87 -12.47
CA LEU C 133 14.65 -17.15 -12.90
C LEU C 133 13.74 -18.33 -12.55
N LEU C 134 13.11 -18.32 -11.36
CA LEU C 134 12.17 -19.37 -10.91
C LEU C 134 10.95 -19.42 -11.85
N ASP C 135 10.51 -18.26 -12.36
CA ASP C 135 9.33 -18.13 -13.25
C ASP C 135 9.58 -18.90 -14.56
N ARG C 136 10.84 -18.99 -15.00
CA ARG C 136 11.25 -19.63 -16.28
C ARG C 136 11.55 -21.12 -16.07
N ASP C 137 11.60 -21.58 -14.81
CA ASP C 137 11.93 -22.99 -14.45
C ASP C 137 10.68 -23.85 -14.70
N ALA C 138 10.61 -24.49 -15.88
CA ALA C 138 9.44 -25.25 -16.40
C ALA C 138 9.17 -26.49 -15.55
N SER C 139 10.20 -27.08 -14.92
CA SER C 139 10.12 -28.30 -14.08
C SER C 139 9.21 -28.06 -12.88
N LEU C 140 9.13 -26.82 -12.38
CA LEU C 140 8.24 -26.42 -11.25
C LEU C 140 6.81 -26.22 -11.78
N SER C 141 5.81 -26.64 -11.01
CA SER C 141 4.38 -26.30 -11.22
C SER C 141 4.15 -24.83 -10.85
N ALA C 142 2.99 -24.28 -11.18
CA ALA C 142 2.60 -22.87 -10.89
C ALA C 142 2.57 -22.66 -9.37
N ALA C 143 2.00 -23.61 -8.63
CA ALA C 143 1.88 -23.59 -7.15
C ALA C 143 3.28 -23.65 -6.52
N GLN C 144 4.15 -24.54 -7.02
CA GLN C 144 5.51 -24.79 -6.49
C GLN C 144 6.40 -23.56 -6.75
N ALA C 145 6.38 -23.04 -7.97
CA ALA C 145 7.14 -21.82 -8.37
C ALA C 145 6.71 -20.64 -7.49
N ALA C 146 5.41 -20.47 -7.25
CA ALA C 146 4.82 -19.36 -6.46
C ALA C 146 5.28 -19.47 -5.00
N ALA C 147 5.18 -20.67 -4.42
CA ALA C 147 5.60 -20.96 -3.03
C ALA C 147 7.11 -20.71 -2.88
N THR C 148 7.91 -21.11 -3.86
CA THR C 148 9.39 -20.96 -3.82
C THR C 148 9.76 -19.47 -3.87
N CYS C 149 9.06 -18.68 -4.68
CA CYS C 149 9.29 -17.21 -4.80
C CYS C 149 9.02 -16.53 -3.45
N ARG C 150 7.95 -16.94 -2.75
CA ARG C 150 7.58 -16.40 -1.42
C ARG C 150 8.67 -16.75 -0.41
N TYR C 151 9.17 -17.99 -0.46
CA TYR C 151 10.30 -18.47 0.37
C TYR C 151 11.54 -17.60 0.11
N VAL C 152 11.86 -17.37 -1.17
CA VAL C 152 13.04 -16.57 -1.62
C VAL C 152 12.98 -15.18 -0.98
N ALA C 153 11.82 -14.51 -1.09
CA ALA C 153 11.58 -13.18 -0.48
C ALA C 153 11.78 -13.27 1.03
N ASP C 154 11.17 -14.27 1.68
CA ASP C 154 11.16 -14.43 3.15
C ASP C 154 12.58 -14.64 3.69
N VAL C 155 13.33 -15.61 3.15
CA VAL C 155 14.65 -16.02 3.70
C VAL C 155 15.69 -14.92 3.41
N THR C 156 15.61 -14.26 2.25
CA THR C 156 16.53 -13.15 1.88
C THR C 156 16.32 -12.00 2.88
N MET C 157 15.07 -11.65 3.17
CA MET C 157 14.72 -10.53 4.08
C MET C 157 15.10 -10.90 5.52
N THR C 158 15.01 -12.19 5.89
CA THR C 158 15.48 -12.71 7.21
C THR C 158 16.99 -12.46 7.33
N ALA C 159 17.76 -12.79 6.29
CA ALA C 159 19.22 -12.55 6.23
C ALA C 159 19.50 -11.06 6.38
N VAL C 160 18.85 -10.23 5.56
CA VAL C 160 18.98 -8.74 5.58
C VAL C 160 18.68 -8.22 6.99
N GLU C 161 17.59 -8.70 7.60
CA GLU C 161 17.18 -8.33 8.97
C GLU C 161 18.39 -8.47 9.91
N MET C 162 19.07 -9.63 9.87
CA MET C 162 20.20 -9.94 10.78
C MET C 162 21.45 -9.17 10.37
N MET C 163 21.59 -8.82 9.08
CA MET C 163 22.65 -7.91 8.59
C MET C 163 22.42 -6.50 9.13
N CYS C 164 21.16 -6.14 9.42
CA CYS C 164 20.75 -4.76 9.81
C CYS C 164 20.72 -4.60 11.33
N HIS C 165 20.93 -5.67 12.10
CA HIS C 165 21.11 -5.64 13.58
C HIS C 165 22.31 -4.75 13.93
N ALA C 166 23.36 -4.76 13.09
CA ALA C 166 24.62 -4.02 13.28
C ALA C 166 24.38 -2.50 13.28
N TYR C 167 23.31 -2.03 12.62
CA TYR C 167 22.94 -0.59 12.52
C TYR C 167 22.27 -0.11 13.81
N SER C 168 22.05 -1.00 14.79
CA SER C 168 21.52 -0.67 16.14
C SER C 168 22.39 -1.35 17.21
CHA HEM D . -24.75 11.21 -14.07
CHB HEM D . -24.30 11.92 -9.35
CHC HEM D . -27.52 8.39 -8.72
CHD HEM D . -26.30 6.77 -13.09
C1A HEM D . -24.38 11.80 -12.88
C2A HEM D . -23.63 13.05 -12.70
C3A HEM D . -23.50 13.24 -11.38
C4A HEM D . -24.17 12.12 -10.72
CMA HEM D . -22.80 14.40 -10.73
CAA HEM D . -23.13 13.92 -13.78
CBA HEM D . -21.79 13.45 -14.39
CGA HEM D . -21.23 14.42 -15.41
O1A HEM D . -21.89 14.77 -16.42
O2A HEM D . -20.23 15.05 -14.99
C1B HEM D . -25.20 11.12 -8.76
C2B HEM D . -25.62 11.16 -7.37
C3B HEM D . -26.53 10.16 -7.21
C4B HEM D . -26.69 9.48 -8.48
CMB HEM D . -25.13 12.14 -6.34
CAB HEM D . -27.29 9.74 -5.99
CBB HEM D . -27.19 10.24 -4.78
C1C HEM D . -27.41 7.54 -9.82
C2C HEM D . -28.00 6.22 -9.95
C3C HEM D . -27.64 5.76 -11.22
C4C HEM D . -26.87 6.79 -11.81
CMC HEM D . -28.84 5.53 -8.90
CAC HEM D . -27.97 4.47 -11.89
CBC HEM D . -28.47 3.36 -11.37
C1D HEM D . -25.85 7.88 -13.81
C2D HEM D . -25.62 7.94 -15.23
C3D HEM D . -25.18 9.21 -15.53
C4D HEM D . -25.14 9.95 -14.27
CMD HEM D . -25.83 6.79 -16.18
CAD HEM D . -24.84 9.75 -16.85
CBD HEM D . -23.36 9.52 -17.27
CGD HEM D . -23.12 9.99 -18.64
O1D HEM D . -22.85 11.21 -18.86
O2D HEM D . -23.61 9.21 -19.52
NA HEM D . -24.67 11.28 -11.66
NB HEM D . -25.86 10.08 -9.42
NC HEM D . -26.74 7.82 -10.96
ND HEM D . -25.55 9.09 -13.25
FE HEM D . -25.71 9.56 -11.33
C CYN E . -24.09 8.75 -10.78
N CYN E . -23.03 7.98 -10.67
CHA HEM F . 4.38 5.70 12.62
CHB HEM F . 3.82 2.80 8.84
CHC HEM F . 7.23 -0.01 10.78
CHD HEM F . 5.92 1.83 15.05
C1A HEM F . 3.95 5.27 11.38
C2A HEM F . 3.16 5.98 10.35
C3A HEM F . 3.03 5.14 9.30
C4A HEM F . 3.72 3.92 9.66
CMA HEM F . 2.31 5.44 8.02
CAA HEM F . 2.61 7.37 10.34
CBA HEM F . 2.08 7.95 11.68
CGA HEM F . 2.61 9.34 11.99
O1A HEM F . 3.03 9.66 13.13
O2A HEM F . 2.54 10.16 11.03
C1B HEM F . 4.77 1.85 8.96
C2B HEM F . 5.20 0.93 7.93
C3B HEM F . 6.17 0.15 8.49
C4B HEM F . 6.33 0.57 9.86
CMB HEM F . 4.67 0.90 6.53
CAB HEM F . 6.96 -0.97 7.90
CBB HEM F . 7.24 -1.18 6.63
C1C HEM F . 7.11 0.15 12.16
C2C HEM F . 7.74 -0.67 13.18
C3C HEM F . 7.34 -0.13 14.41
C4C HEM F . 6.52 0.98 14.11
CMC HEM F . 8.62 -1.86 12.92
CAC HEM F . 7.68 -0.55 15.80
CBC HEM F . 8.07 -1.75 16.22
C1D HEM F . 5.50 3.13 14.78
C2D HEM F . 5.30 4.19 15.76
C3D HEM F . 4.84 5.30 15.09
C4D HEM F . 4.79 4.95 13.67
CMD HEM F . 5.54 4.02 17.23
CAD HEM F . 4.54 6.62 15.65
CBD HEM F . 3.09 6.78 16.21
CGD HEM F . 2.85 8.05 16.93
O1D HEM F . 1.68 8.51 17.03
O2D HEM F . 3.90 8.69 17.25
NA HEM F . 4.25 4.02 10.90
NB HEM F . 5.48 1.61 10.13
NC HEM F . 6.41 1.12 12.78
ND HEM F . 5.18 3.61 13.53
FE HEM F . 5.30 2.57 11.86
C CYN G . 3.66 1.81 12.39
N CYN G . 2.75 0.85 12.44
C1 GOL H . -3.53 -17.47 -10.02
O1 GOL H . -3.61 -16.33 -9.17
C2 GOL H . -3.13 -18.71 -9.26
O2 GOL H . -3.82 -19.84 -9.79
C3 GOL H . -1.63 -18.99 -9.29
O3 GOL H . -0.90 -18.04 -8.51
CHA HEM I . 31.20 -6.56 2.55
CHB HEM I . 27.39 -9.01 1.00
CHC HEM I . 25.16 -4.75 0.46
CHD HEM I . 29.57 -2.81 0.02
C1A HEM I . 30.37 -7.61 2.29
C2A HEM I . 30.61 -9.03 2.61
C3A HEM I . 29.54 -9.72 2.18
C4A HEM I . 28.63 -8.75 1.58
CMA HEM I . 29.33 -11.21 2.29
CAA HEM I . 31.81 -9.54 3.33
CBA HEM I . 33.03 -9.78 2.40
CGA HEM I . 34.14 -10.60 3.03
O1A HEM I . 34.77 -11.48 2.40
O2A HEM I . 34.27 -10.41 4.28
C1B HEM I . 26.42 -8.10 0.82
C2B HEM I . 25.01 -8.38 0.62
C3B HEM I . 24.39 -7.18 0.46
C4B HEM I . 25.39 -6.15 0.56
CMB HEM I . 24.44 -9.78 0.60
CAB HEM I . 22.95 -6.87 0.23
CBB HEM I . 21.91 -7.67 0.31
C1C HEM I . 26.15 -3.82 0.18
C2C HEM I . 25.99 -2.46 -0.32
C3C HEM I . 27.27 -1.92 -0.43
C4C HEM I . 28.18 -2.93 -0.02
CMC HEM I . 24.69 -1.79 -0.64
CAC HEM I . 27.69 -0.57 -0.90
CBC HEM I . 27.00 0.30 -1.66
C1D HEM I . 30.42 -3.62 0.77
C2D HEM I . 31.78 -3.29 1.17
C3D HEM I . 32.25 -4.36 1.89
C4D HEM I . 31.19 -5.35 1.95
CMD HEM I . 32.49 -2.02 0.81
CAD HEM I . 33.59 -4.50 2.52
CBD HEM I . 34.67 -4.91 1.50
CGD HEM I . 36.02 -4.73 2.05
O1D HEM I . 36.46 -3.57 2.35
O2D HEM I . 36.50 -5.80 2.51
NA HEM I . 29.16 -7.50 1.67
NB HEM I . 26.62 -6.72 0.77
NC HEM I . 27.48 -4.03 0.32
ND HEM I . 30.09 -4.85 1.25
FE HEM I . 28.34 -5.77 1.00
C CYN J . 28.83 -6.20 -0.78
N CYN J . 29.00 -6.56 -2.03
#